data_5UII
#
_entry.id   5UII
#
_cell.length_a   73.395
_cell.length_b   58.724
_cell.length_c   38.595
_cell.angle_alpha   90.00
_cell.angle_beta   107.54
_cell.angle_gamma   90.00
#
_symmetry.space_group_name_H-M   'C 1 2 1'
#
loop_
_entity.id
_entity.type
_entity.pdbx_description
1 polymer 'Dihydrofolate reductase'
2 non-polymer 'NADP NICOTINAMIDE-ADENINE-DINUCLEOTIDE PHOSPHATE'
3 non-polymer 'CALCIUM ION'
4 non-polymer 'SODIUM ION'
5 non-polymer "N-butyl-N'-(diaminomethylidene)guanidine"
6 water water
#
_entity_poly.entity_id   1
_entity_poly.type   'polypeptide(L)'
_entity_poly.pdbx_seq_one_letter_code
;GISLIAALAVDRVIGMENAMPWNLPADLAWFKRNTLNKPVIMGRHTWESIGRPLPGRKNIILSSQPGTDDRVTWVKSVDE
AIAACGDVPEIMVIGGGRVYEQFLPKAQKLYLTHIDAEVEGDTHFPDYEPDDWESVFSEFHDADAQNSHSYSFEILERRG
GGG
;
_entity_poly.pdbx_strand_id   A
#
# COMPACT_ATOMS: atom_id res chain seq x y z
N GLY A 1 1.26 7.97 -13.43
CA GLY A 1 2.26 6.89 -13.26
C GLY A 1 1.78 5.85 -12.26
N ILE A 2 2.67 4.96 -11.89
CA ILE A 2 2.40 3.91 -10.92
C ILE A 2 3.01 4.32 -9.59
N SER A 3 2.22 4.24 -8.53
CA SER A 3 2.67 4.55 -7.18
C SER A 3 2.39 3.37 -6.27
N LEU A 4 3.25 3.19 -5.27
N LEU A 4 3.25 3.18 -5.28
CA LEU A 4 3.02 2.23 -4.20
CA LEU A 4 3.02 2.22 -4.20
C LEU A 4 2.72 2.99 -2.91
C LEU A 4 2.71 2.99 -2.93
N ILE A 5 1.76 2.48 -2.14
CA ILE A 5 1.45 3.05 -0.84
C ILE A 5 1.43 1.92 0.18
N ALA A 6 2.16 2.10 1.28
CA ALA A 6 2.40 1.03 2.23
C ALA A 6 2.72 1.61 3.61
N ALA A 7 2.42 0.82 4.64
CA ALA A 7 2.76 1.12 6.03
C ALA A 7 3.76 0.08 6.52
N LEU A 8 4.90 0.55 6.99
CA LEU A 8 6.05 -0.28 7.32
C LEU A 8 6.41 -0.11 8.79
N ALA A 9 6.48 -1.23 9.51
CA ALA A 9 7.12 -1.25 10.81
C ALA A 9 8.64 -1.27 10.60
N VAL A 10 9.43 -1.39 11.66
CA VAL A 10 10.87 -1.46 11.47
C VAL A 10 11.22 -2.73 10.68
N ASP A 11 12.40 -2.72 10.08
CA ASP A 11 12.84 -3.78 9.19
C ASP A 11 11.88 -3.97 8.02
N ARG A 12 11.14 -2.91 7.66
CA ARG A 12 10.26 -2.90 6.50
C ARG A 12 9.15 -3.94 6.59
N VAL A 13 8.78 -4.33 7.80
CA VAL A 13 7.71 -5.32 7.97
C VAL A 13 6.37 -4.71 7.61
N ILE A 14 5.60 -5.41 6.76
CA ILE A 14 4.30 -4.92 6.34
C ILE A 14 3.17 -5.89 6.66
N GLY A 15 3.44 -7.14 6.98
CA GLY A 15 2.37 -8.09 7.15
C GLY A 15 2.78 -9.26 8.01
N MET A 16 1.76 -9.96 8.50
CA MET A 16 1.92 -11.13 9.34
C MET A 16 0.63 -11.94 9.27
N GLU A 17 0.61 -13.12 9.91
CA GLU A 17 -0.56 -14.00 9.85
C GLU A 17 -1.77 -13.37 10.53
N ASN A 18 -1.58 -12.73 11.68
CA ASN A 18 -2.67 -12.17 12.43
C ASN A 18 -2.74 -10.66 12.24
N ALA A 19 -3.79 -10.05 12.79
CA ALA A 19 -3.96 -8.62 12.69
C ALA A 19 -2.76 -7.89 13.28
N MET A 20 -2.41 -6.74 12.70
CA MET A 20 -1.26 -6.02 13.19
C MET A 20 -1.52 -5.48 14.59
N PRO A 21 -0.48 -5.47 15.48
CA PRO A 21 -0.66 -5.03 16.87
C PRO A 21 -0.51 -3.53 17.03
N TRP A 22 -1.37 -2.78 16.34
CA TRP A 22 -1.36 -1.33 16.44
C TRP A 22 -2.73 -0.80 16.04
N ASN A 23 -2.94 0.47 16.35
N ASN A 23 -2.93 0.48 16.33
CA ASN A 23 -4.18 1.16 16.01
CA ASN A 23 -4.18 1.19 16.05
C ASN A 23 -3.78 2.55 15.53
C ASN A 23 -3.75 2.56 15.53
N LEU A 24 -3.85 2.76 14.22
CA LEU A 24 -3.33 3.98 13.58
C LEU A 24 -4.37 4.60 12.65
N PRO A 25 -5.43 5.18 13.21
CA PRO A 25 -6.40 5.87 12.36
C PRO A 25 -5.78 6.97 11.52
N ALA A 26 -4.72 7.61 11.98
CA ALA A 26 -4.07 8.64 11.18
C ALA A 26 -3.51 8.06 9.89
N ASP A 27 -3.00 6.83 9.95
CA ASP A 27 -2.51 6.18 8.74
C ASP A 27 -3.65 5.85 7.78
N LEU A 28 -4.81 5.45 8.32
CA LEU A 28 -5.95 5.20 7.44
C LEU A 28 -6.39 6.49 6.76
N ALA A 29 -6.42 7.60 7.48
CA ALA A 29 -6.79 8.88 6.87
C ALA A 29 -5.81 9.25 5.75
N TRP A 30 -4.52 9.03 6.01
CA TRP A 30 -3.49 9.29 4.99
C TRP A 30 -3.69 8.41 3.77
N PHE A 31 -3.99 7.13 4.00
CA PHE A 31 -4.24 6.23 2.88
C PHE A 31 -5.41 6.71 2.04
N LYS A 32 -6.51 7.09 2.69
CA LYS A 32 -7.66 7.61 1.96
C LYS A 32 -7.32 8.87 1.18
N ARG A 33 -6.66 9.82 1.85
CA ARG A 33 -6.33 11.09 1.21
C ARG A 33 -5.60 10.87 -0.10
N ASN A 34 -4.73 9.87 -0.16
CA ASN A 34 -3.85 9.67 -1.30
C ASN A 34 -4.37 8.66 -2.31
N THR A 35 -5.48 7.97 -2.02
CA THR A 35 -6.04 7.01 -2.96
C THR A 35 -7.45 7.37 -3.42
N LEU A 36 -8.01 8.50 -2.98
CA LEU A 36 -9.41 8.81 -3.27
C LEU A 36 -9.65 8.84 -4.77
N ASN A 37 -10.63 8.06 -5.23
CA ASN A 37 -11.06 8.09 -6.62
C ASN A 37 -9.91 7.83 -7.59
N LYS A 38 -9.00 6.95 -7.18
CA LYS A 38 -7.97 6.42 -8.03
C LYS A 38 -8.10 4.90 -8.09
N PRO A 39 -7.75 4.27 -9.20
CA PRO A 39 -7.76 2.80 -9.23
C PRO A 39 -6.72 2.25 -8.27
N VAL A 40 -7.09 1.17 -7.59
CA VAL A 40 -6.21 0.51 -6.64
C VAL A 40 -5.98 -0.92 -7.10
N ILE A 41 -4.72 -1.33 -7.12
CA ILE A 41 -4.32 -2.70 -7.44
C ILE A 41 -3.87 -3.38 -6.15
N MET A 42 -4.36 -4.59 -5.92
CA MET A 42 -3.96 -5.33 -4.73
C MET A 42 -3.90 -6.82 -5.04
N GLY A 43 -3.12 -7.52 -4.26
CA GLY A 43 -3.08 -8.96 -4.34
C GLY A 43 -4.26 -9.60 -3.66
N ARG A 44 -4.45 -10.89 -3.94
CA ARG A 44 -5.63 -11.59 -3.46
C ARG A 44 -5.66 -11.64 -1.94
N HIS A 45 -4.50 -11.80 -1.30
CA HIS A 45 -4.50 -11.86 0.17
C HIS A 45 -4.84 -10.50 0.77
N THR A 46 -4.36 -9.42 0.18
CA THR A 46 -4.76 -8.09 0.65
C THR A 46 -6.25 -7.90 0.47
N TRP A 47 -6.81 -8.32 -0.67
CA TRP A 47 -8.24 -8.28 -0.86
C TRP A 47 -8.98 -9.01 0.26
N GLU A 48 -8.53 -10.21 0.61
CA GLU A 48 -9.22 -10.97 1.66
C GLU A 48 -9.14 -10.28 3.01
N SER A 49 -8.06 -9.51 3.24
N SER A 49 -8.07 -9.50 3.25
CA SER A 49 -7.94 -8.78 4.50
CA SER A 49 -7.94 -8.78 4.51
C SER A 49 -8.91 -7.61 4.60
C SER A 49 -8.91 -7.60 4.61
N ILE A 50 -9.38 -7.10 3.47
CA ILE A 50 -10.32 -5.97 3.47
C ILE A 50 -11.77 -6.47 3.44
N GLY A 51 -12.06 -7.47 2.61
CA GLY A 51 -13.35 -8.11 2.58
C GLY A 51 -14.41 -7.40 1.76
N ARG A 52 -14.21 -6.15 1.39
CA ARG A 52 -15.20 -5.40 0.64
C ARG A 52 -14.49 -4.40 -0.24
N PRO A 53 -15.14 -3.92 -1.30
CA PRO A 53 -14.48 -2.96 -2.19
C PRO A 53 -14.19 -1.64 -1.48
N LEU A 54 -13.06 -1.04 -1.83
CA LEU A 54 -12.81 0.32 -1.39
C LEU A 54 -13.71 1.26 -2.19
N PRO A 55 -14.43 2.17 -1.53
CA PRO A 55 -15.49 2.92 -2.22
C PRO A 55 -14.95 3.96 -3.19
N GLY A 56 -15.71 4.19 -4.26
CA GLY A 56 -15.45 5.27 -5.17
C GLY A 56 -14.24 5.06 -6.07
N ARG A 57 -13.79 3.82 -6.22
CA ARG A 57 -12.57 3.51 -6.95
C ARG A 57 -12.76 2.22 -7.73
N LYS A 58 -12.03 2.10 -8.83
CA LYS A 58 -11.85 0.79 -9.44
C LYS A 58 -10.96 -0.05 -8.53
N ASN A 59 -11.45 -1.21 -8.10
CA ASN A 59 -10.67 -2.15 -7.31
C ASN A 59 -10.23 -3.28 -8.24
N ILE A 60 -8.92 -3.48 -8.35
CA ILE A 60 -8.33 -4.47 -9.25
C ILE A 60 -7.57 -5.47 -8.40
N ILE A 61 -7.97 -6.75 -8.47
CA ILE A 61 -7.41 -7.81 -7.64
C ILE A 61 -6.60 -8.74 -8.54
N LEU A 62 -5.36 -8.98 -8.17
CA LEU A 62 -4.52 -9.97 -8.83
C LEU A 62 -4.74 -11.33 -8.21
N SER A 63 -5.03 -12.33 -9.05
CA SER A 63 -5.09 -13.71 -8.60
C SER A 63 -4.86 -14.60 -9.82
N SER A 64 -4.19 -15.72 -9.60
CA SER A 64 -4.03 -16.70 -10.67
C SER A 64 -5.33 -17.44 -10.95
N GLN A 65 -6.28 -17.40 -10.04
CA GLN A 65 -7.51 -18.17 -10.12
C GLN A 65 -8.71 -17.26 -10.44
N PRO A 66 -9.81 -17.84 -10.90
CA PRO A 66 -11.00 -17.02 -11.18
C PRO A 66 -11.44 -16.22 -9.96
N GLY A 67 -11.99 -15.05 -10.23
CA GLY A 67 -12.45 -14.19 -9.15
C GLY A 67 -13.65 -14.76 -8.42
N THR A 68 -13.80 -14.33 -7.18
CA THR A 68 -14.85 -14.82 -6.29
C THR A 68 -15.70 -13.68 -5.73
N ASP A 69 -15.68 -12.52 -6.37
CA ASP A 69 -16.52 -11.41 -5.95
C ASP A 69 -16.66 -10.47 -7.13
N ASP A 70 -17.84 -10.47 -7.76
CA ASP A 70 -18.05 -9.71 -8.98
C ASP A 70 -18.14 -8.21 -8.75
N ARG A 71 -18.07 -7.76 -7.50
CA ARG A 71 -18.09 -6.32 -7.24
C ARG A 71 -16.78 -5.65 -7.59
N VAL A 72 -15.72 -6.42 -7.82
CA VAL A 72 -14.41 -5.88 -8.14
C VAL A 72 -13.90 -6.56 -9.41
N THR A 73 -12.78 -6.05 -9.91
CA THR A 73 -12.20 -6.52 -11.16
C THR A 73 -11.03 -7.45 -10.84
N TRP A 74 -11.05 -8.64 -11.43
CA TRP A 74 -10.02 -9.63 -11.21
C TRP A 74 -9.16 -9.79 -12.45
N VAL A 75 -7.86 -9.90 -12.25
CA VAL A 75 -6.89 -10.00 -13.33
C VAL A 75 -5.86 -11.05 -12.96
N LYS A 76 -5.23 -11.63 -13.97
CA LYS A 76 -4.32 -12.76 -13.80
C LYS A 76 -2.87 -12.43 -14.11
N SER A 77 -2.54 -11.16 -14.33
CA SER A 77 -1.16 -10.77 -14.59
C SER A 77 -0.98 -9.30 -14.30
N VAL A 78 0.28 -8.90 -14.12
CA VAL A 78 0.62 -7.50 -13.94
C VAL A 78 0.15 -6.68 -15.13
N ASP A 79 0.39 -7.16 -16.35
CA ASP A 79 -0.02 -6.42 -17.54
C ASP A 79 -1.53 -6.22 -17.58
N GLU A 80 -2.29 -7.26 -17.20
CA GLU A 80 -3.74 -7.12 -17.17
C GLU A 80 -4.17 -6.14 -16.09
N ALA A 81 -3.47 -6.12 -14.95
CA ALA A 81 -3.81 -5.19 -13.88
C ALA A 81 -3.65 -3.75 -14.35
N ILE A 82 -2.53 -3.47 -15.01
CA ILE A 82 -2.29 -2.13 -15.53
C ILE A 82 -3.32 -1.78 -16.59
N ALA A 83 -3.63 -2.71 -17.49
CA ALA A 83 -4.61 -2.42 -18.54
C ALA A 83 -5.98 -2.12 -17.93
N ALA A 84 -6.35 -2.83 -16.87
CA ALA A 84 -7.64 -2.63 -16.24
C ALA A 84 -7.77 -1.24 -15.63
N CYS A 85 -6.65 -0.59 -15.31
CA CYS A 85 -6.67 0.77 -14.79
C CYS A 85 -6.98 1.81 -15.85
N GLY A 86 -6.74 1.48 -17.13
CA GLY A 86 -7.04 2.43 -18.18
C GLY A 86 -6.10 3.63 -18.20
N ASP A 87 -6.64 4.76 -18.64
CA ASP A 87 -5.87 5.98 -18.83
C ASP A 87 -6.19 6.89 -17.64
N VAL A 88 -5.33 6.86 -16.63
CA VAL A 88 -5.57 7.62 -15.41
C VAL A 88 -4.29 8.35 -15.01
N PRO A 89 -4.41 9.41 -14.22
CA PRO A 89 -3.20 10.11 -13.78
C PRO A 89 -2.31 9.30 -12.86
N GLU A 90 -2.88 8.41 -12.05
CA GLU A 90 -2.07 7.72 -11.05
C GLU A 90 -2.73 6.41 -10.66
N ILE A 91 -1.97 5.33 -10.77
CA ILE A 91 -2.39 4.00 -10.32
C ILE A 91 -1.80 3.77 -8.94
N MET A 92 -2.64 3.35 -7.99
CA MET A 92 -2.21 3.13 -6.62
C MET A 92 -2.12 1.64 -6.33
N VAL A 93 -0.92 1.16 -6.04
CA VAL A 93 -0.68 -0.24 -5.68
C VAL A 93 -0.67 -0.32 -4.16
N ILE A 94 -1.60 -1.10 -3.58
CA ILE A 94 -1.89 -0.99 -2.15
C ILE A 94 -1.49 -2.24 -1.38
N GLY A 95 -0.80 -3.19 -2.01
CA GLY A 95 -0.26 -4.35 -1.32
C GLY A 95 -0.64 -5.67 -1.98
N GLY A 96 -0.11 -6.79 -1.51
CA GLY A 96 0.85 -6.86 -0.43
C GLY A 96 2.26 -7.04 -0.91
N GLY A 97 3.05 -7.82 -0.16
CA GLY A 97 4.48 -7.91 -0.46
C GLY A 97 4.77 -8.43 -1.85
N ARG A 98 4.09 -9.50 -2.25
CA ARG A 98 4.36 -10.08 -3.57
C ARG A 98 4.01 -9.07 -4.67
N VAL A 99 2.93 -8.33 -4.49
CA VAL A 99 2.53 -7.34 -5.48
C VAL A 99 3.49 -6.15 -5.47
N TYR A 100 3.88 -5.67 -4.29
CA TYR A 100 4.85 -4.57 -4.25
C TYR A 100 6.14 -4.94 -4.97
N GLU A 101 6.62 -6.17 -4.78
CA GLU A 101 7.87 -6.60 -5.41
C GLU A 101 7.80 -6.47 -6.92
N GLN A 102 6.65 -6.79 -7.51
CA GLN A 102 6.54 -6.77 -8.97
C GLN A 102 6.34 -5.36 -9.52
N PHE A 103 5.71 -4.48 -8.74
CA PHE A 103 5.41 -3.14 -9.23
C PHE A 103 6.49 -2.12 -8.87
N LEU A 104 7.31 -2.37 -7.86
CA LEU A 104 8.35 -1.41 -7.50
C LEU A 104 9.21 -0.98 -8.68
N PRO A 105 9.74 -1.89 -9.51
CA PRO A 105 10.57 -1.43 -10.63
C PRO A 105 9.81 -0.59 -11.64
N LYS A 106 8.48 -0.62 -11.61
CA LYS A 106 7.66 0.19 -12.49
C LYS A 106 7.22 1.51 -11.85
N ALA A 107 7.48 1.70 -10.57
CA ALA A 107 6.85 2.78 -9.81
C ALA A 107 7.68 4.05 -9.87
N GLN A 108 6.99 5.19 -9.95
CA GLN A 108 7.61 6.50 -9.89
C GLN A 108 7.48 7.17 -8.54
N LYS A 109 6.57 6.71 -7.70
N LYS A 109 6.66 6.62 -7.64
CA LYS A 109 6.35 7.32 -6.39
CA LYS A 109 6.33 7.31 -6.42
C LYS A 109 6.09 6.25 -5.34
C LYS A 109 6.01 6.28 -5.33
N LEU A 110 6.54 6.52 -4.13
CA LEU A 110 6.25 5.71 -2.95
C LEU A 110 5.62 6.62 -1.89
N TYR A 111 4.49 6.17 -1.34
CA TYR A 111 3.86 6.81 -0.19
C TYR A 111 4.06 5.85 0.97
N LEU A 112 4.89 6.23 1.93
CA LEU A 112 5.29 5.33 3.00
C LEU A 112 4.89 5.91 4.34
N THR A 113 4.31 5.06 5.18
CA THR A 113 4.13 5.33 6.59
C THR A 113 5.16 4.49 7.33
N HIS A 114 6.00 5.14 8.13
CA HIS A 114 6.99 4.45 8.94
C HIS A 114 6.49 4.45 10.38
N ILE A 115 6.25 3.25 10.90
CA ILE A 115 5.65 3.08 12.22
C ILE A 115 6.77 2.70 13.19
N ASP A 116 6.84 3.41 14.33
CA ASP A 116 7.83 3.11 15.36
C ASP A 116 7.34 1.92 16.18
N ALA A 117 7.36 0.75 15.53
CA ALA A 117 6.95 -0.50 16.15
C ALA A 117 7.87 -1.59 15.63
N GLU A 118 8.18 -2.53 16.50
CA GLU A 118 8.94 -3.73 16.14
C GLU A 118 8.00 -4.91 16.26
N VAL A 119 7.64 -5.50 15.12
CA VAL A 119 6.65 -6.57 15.07
C VAL A 119 7.24 -7.71 14.25
N GLU A 120 7.01 -8.94 14.72
CA GLU A 120 7.40 -10.11 13.97
C GLU A 120 6.44 -10.26 12.79
N GLY A 121 7.00 -10.26 11.58
CA GLY A 121 6.18 -10.37 10.39
C GLY A 121 6.77 -11.36 9.41
N ASP A 122 5.92 -11.79 8.48
CA ASP A 122 6.32 -12.72 7.43
C ASP A 122 6.41 -12.07 6.06
N THR A 123 6.11 -10.77 5.96
N THR A 123 6.04 -10.79 5.93
CA THR A 123 6.08 -10.07 4.69
CA THR A 123 6.12 -10.09 4.66
C THR A 123 6.73 -8.70 4.88
C THR A 123 6.73 -8.72 4.87
N HIS A 124 7.57 -8.31 3.92
CA HIS A 124 8.31 -7.06 4.01
C HIS A 124 8.10 -6.25 2.74
N PHE A 125 8.19 -4.94 2.88
CA PHE A 125 8.25 -4.07 1.71
C PHE A 125 9.55 -4.34 0.97
N PRO A 126 9.54 -4.32 -0.36
CA PRO A 126 10.77 -4.66 -1.10
C PRO A 126 11.88 -3.66 -0.84
N ASP A 127 13.10 -4.13 -0.99
CA ASP A 127 14.26 -3.28 -0.75
C ASP A 127 14.32 -2.17 -1.78
N TYR A 128 14.65 -0.97 -1.31
CA TYR A 128 14.89 0.17 -2.17
C TYR A 128 16.01 0.99 -1.55
N GLU A 129 16.69 1.77 -2.40
CA GLU A 129 17.79 2.60 -1.95
C GLU A 129 17.31 4.03 -1.87
N PRO A 130 17.22 4.64 -0.68
CA PRO A 130 16.69 6.01 -0.59
C PRO A 130 17.41 7.00 -1.51
N ASP A 131 18.67 6.70 -1.86
CA ASP A 131 19.43 7.59 -2.73
C ASP A 131 18.91 7.59 -4.16
N ASP A 132 18.17 6.56 -4.56
CA ASP A 132 17.53 6.55 -5.86
C ASP A 132 16.26 7.38 -5.91
N TRP A 133 15.86 7.97 -4.78
CA TRP A 133 14.58 8.65 -4.67
C TRP A 133 14.79 10.01 -4.03
N GLU A 134 13.88 10.94 -4.33
CA GLU A 134 13.87 12.25 -3.71
C GLU A 134 12.69 12.33 -2.76
N SER A 135 12.94 12.75 -1.52
CA SER A 135 11.87 12.95 -0.57
C SER A 135 11.21 14.29 -0.87
N VAL A 136 9.94 14.24 -1.30
CA VAL A 136 9.22 15.46 -1.64
C VAL A 136 8.29 15.92 -0.52
N PHE A 137 8.04 15.07 0.47
CA PHE A 137 7.14 15.38 1.57
C PHE A 137 7.52 14.46 2.73
N SER A 138 7.53 15.01 3.93
N SER A 138 7.55 15.01 3.93
CA SER A 138 7.83 14.25 5.14
CA SER A 138 7.72 14.17 5.10
C SER A 138 7.14 14.93 6.32
C SER A 138 7.20 14.88 6.33
N GLU A 139 6.58 14.13 7.23
CA GLU A 139 6.05 14.69 8.47
C GLU A 139 6.08 13.60 9.54
N PHE A 140 6.57 13.96 10.73
CA PHE A 140 6.64 13.05 11.87
C PHE A 140 5.53 13.37 12.86
N HIS A 141 4.97 12.32 13.46
CA HIS A 141 3.87 12.46 14.39
C HIS A 141 4.09 11.60 15.62
N ASP A 142 3.69 12.11 16.78
CA ASP A 142 3.75 11.32 18.00
C ASP A 142 2.53 10.43 18.12
N ALA A 143 2.65 9.38 18.92
CA ALA A 143 1.47 8.64 19.35
C ALA A 143 0.55 9.58 20.14
N ASP A 144 -0.74 9.26 20.15
CA ASP A 144 -1.69 10.08 20.89
C ASP A 144 -2.85 9.19 21.33
N ALA A 145 -3.91 9.82 21.84
CA ALA A 145 -5.04 9.07 22.37
C ALA A 145 -5.67 8.18 21.32
N GLN A 146 -5.52 8.50 20.04
N GLN A 146 -5.52 8.50 20.04
CA GLN A 146 -6.12 7.72 18.97
CA GLN A 146 -6.12 7.72 18.97
C GLN A 146 -5.15 6.80 18.25
C GLN A 146 -5.15 6.80 18.25
N ASN A 147 -3.84 7.06 18.34
CA ASN A 147 -2.83 6.33 17.59
C ASN A 147 -1.82 5.71 18.55
N SER A 148 -1.66 4.39 18.47
CA SER A 148 -0.94 3.63 19.48
C SER A 148 0.57 3.80 19.41
N HIS A 149 1.10 4.23 18.28
CA HIS A 149 2.55 4.33 18.08
C HIS A 149 2.82 5.64 17.37
N SER A 150 4.06 6.13 17.50
CA SER A 150 4.48 7.24 16.67
C SER A 150 4.74 6.72 15.26
N TYR A 151 4.70 7.64 14.30
CA TYR A 151 4.77 7.29 12.89
C TYR A 151 5.17 8.53 12.11
N SER A 152 5.65 8.31 10.89
CA SER A 152 5.94 9.40 9.98
C SER A 152 5.39 9.03 8.61
N PHE A 153 5.06 10.05 7.84
CA PHE A 153 4.66 9.89 6.45
C PHE A 153 5.78 10.44 5.57
N GLU A 154 6.04 9.78 4.45
CA GLU A 154 6.94 10.35 3.47
C GLU A 154 6.45 9.98 2.08
N ILE A 155 6.68 10.90 1.14
CA ILE A 155 6.45 10.65 -0.28
C ILE A 155 7.80 10.76 -0.97
N LEU A 156 8.18 9.69 -1.66
CA LEU A 156 9.42 9.62 -2.41
C LEU A 156 9.10 9.56 -3.89
N GLU A 157 9.84 10.33 -4.69
CA GLU A 157 9.66 10.35 -6.13
C GLU A 157 10.95 9.86 -6.77
N ARG A 158 10.82 8.95 -7.73
CA ARG A 158 12.00 8.27 -8.25
C ARG A 158 12.89 9.28 -8.95
N ARG A 159 14.18 9.20 -8.66
CA ARG A 159 15.14 10.17 -9.17
C ARG A 159 15.39 9.96 -10.66
#